data_4GHM
#
_entry.id   4GHM
#
_cell.length_a   123.114
_cell.length_b   72.256
_cell.length_c   81.755
_cell.angle_alpha   90.00
_cell.angle_beta   131.26
_cell.angle_gamma   90.00
#
_symmetry.space_group_name_H-M   'C 1 2 1'
#
loop_
_entity.id
_entity.type
_entity.pdbx_description
1 polymer 'NADPH-dependent 7-cyano-7-deazaguanine reductase'
2 non-polymer 7-DEAZA-7-AMINOMETHYL-GUANINE
3 non-polymer GLYCEROL
4 non-polymer 'MAGNESIUM ION'
5 water water
#
_entity_poly.entity_id   1
_entity_poly.type   'polypeptide(L)'
_entity_poly.pdbx_seq_one_letter_code
;SNA(MSE)NRLKN(MSE)SKYSDAKELASLTLGKKTEYANQYDPSLLQPVPRSLNRNDLHLSATLPFQGCDIWTLYELSW
LNQKGLPQVAIGEVSIPATSANLIESKSFKLYLNSYNQTRFASWDEVQTRLVHDLSACAGETVTVNVKSLNEYTAEPIVT
(MSE)QGECIDDQDIEIANYEFDDALLQGAAQGEEVSEVLHSHLLKSNCLITNQPDWGSVEIAYHGAK(MSE)NREALLR
YLVSFREHNEFAEQCVERIFTDI(MSE)RYCQPQSLTVYARYTRRGGLDINPFRSSHQSAPNHNQR(MSE)ARQ
;
_entity_poly.pdbx_strand_id   A,B
#
# COMPACT_ATOMS: atom_id res chain seq x y z
N ASN A 32 -22.06 -9.21 -8.49
CA ASN A 32 -20.62 -9.23 -8.23
C ASN A 32 -19.82 -9.17 -9.52
N GLN A 33 -20.50 -8.90 -10.63
CA GLN A 33 -19.87 -8.97 -11.94
C GLN A 33 -19.37 -7.62 -12.42
N TYR A 34 -18.50 -7.67 -13.43
CA TYR A 34 -17.92 -6.51 -14.10
C TYR A 34 -18.95 -5.41 -14.35
N ASP A 35 -18.63 -4.20 -13.90
CA ASP A 35 -19.58 -3.08 -13.95
C ASP A 35 -18.90 -1.73 -14.15
N PRO A 36 -18.78 -1.30 -15.41
CA PRO A 36 -18.14 -0.01 -15.71
C PRO A 36 -18.89 1.20 -15.15
N SER A 37 -20.17 1.05 -14.80
CA SER A 37 -20.95 2.19 -14.28
C SER A 37 -20.47 2.64 -12.91
N LEU A 38 -19.62 1.84 -12.28
CA LEU A 38 -19.09 2.23 -10.96
C LEU A 38 -18.10 3.38 -11.02
N LEU A 39 -17.44 3.54 -12.17
CA LEU A 39 -16.48 4.63 -12.36
C LEU A 39 -17.15 5.98 -12.26
N GLN A 40 -16.56 6.89 -11.48
CA GLN A 40 -17.08 8.25 -11.37
C GLN A 40 -16.01 9.25 -11.78
N PRO A 41 -16.29 10.03 -12.82
CA PRO A 41 -15.38 11.10 -13.23
C PRO A 41 -15.53 12.34 -12.34
N VAL A 42 -14.44 13.09 -12.20
CA VAL A 42 -14.44 14.39 -11.55
C VAL A 42 -13.77 15.35 -12.53
N PRO A 43 -14.46 16.46 -12.86
CA PRO A 43 -13.87 17.33 -13.89
C PRO A 43 -12.63 18.05 -13.37
N ARG A 44 -11.59 18.13 -14.20
CA ARG A 44 -10.37 18.85 -13.82
C ARG A 44 -10.65 20.34 -13.70
N SER A 45 -11.71 20.81 -14.36
CA SER A 45 -12.02 22.23 -14.42
C SER A 45 -12.36 22.83 -13.06
N LEU A 46 -12.84 22.01 -12.13
CA LEU A 46 -13.24 22.55 -10.83
C LEU A 46 -12.05 23.23 -10.15
N ASN A 47 -10.97 22.50 -9.99
CA ASN A 47 -9.81 23.06 -9.31
C ASN A 47 -8.99 24.00 -10.19
N ARG A 48 -8.96 23.73 -11.48
CA ARG A 48 -8.25 24.60 -12.40
C ARG A 48 -8.86 25.99 -12.45
N ASN A 49 -10.18 26.08 -12.35
CA ASN A 49 -10.82 27.39 -12.28
C ASN A 49 -10.42 28.09 -10.99
N ASP A 50 -10.31 27.31 -9.90
CA ASP A 50 -9.88 27.89 -8.62
C ASP A 50 -8.43 28.38 -8.64
N LEU A 51 -7.62 27.80 -9.52
CA LEU A 51 -6.22 28.21 -9.70
C LEU A 51 -6.09 29.35 -10.70
N HIS A 52 -7.23 29.76 -11.27
CA HIS A 52 -7.28 30.83 -12.27
C HIS A 52 -6.52 30.47 -13.54
N LEU A 53 -6.64 29.22 -13.96
CA LEU A 53 -6.05 28.77 -15.21
C LEU A 53 -7.05 28.91 -16.37
N SER A 54 -6.53 29.10 -17.58
CA SER A 54 -7.38 29.09 -18.77
C SER A 54 -7.47 27.68 -19.33
N ALA A 55 -8.24 27.51 -20.39
CA ALA A 55 -8.38 26.19 -21.02
C ALA A 55 -7.08 25.76 -21.67
N THR A 56 -6.25 26.74 -22.04
CA THR A 56 -4.89 26.47 -22.50
C THR A 56 -3.95 26.38 -21.30
N LEU A 57 -3.58 25.16 -20.96
CA LEU A 57 -2.81 24.90 -19.75
C LEU A 57 -1.39 25.45 -19.80
N PRO A 58 -0.83 25.84 -18.64
CA PRO A 58 0.57 26.24 -18.55
C PRO A 58 1.48 25.03 -18.34
N PHE A 59 0.90 23.84 -18.39
CA PHE A 59 1.70 22.64 -18.25
C PHE A 59 1.19 21.51 -19.15
N GLN A 60 2.01 20.47 -19.28
CA GLN A 60 1.55 19.22 -19.88
C GLN A 60 1.89 18.13 -18.90
N GLY A 61 1.49 16.89 -19.21
CA GLY A 61 1.82 15.80 -18.31
C GLY A 61 0.71 14.78 -18.23
N CYS A 62 0.67 14.08 -17.10
CA CYS A 62 -0.20 12.93 -16.96
C CYS A 62 -0.31 12.54 -15.51
N ASP A 63 -1.34 11.76 -15.21
CA ASP A 63 -1.45 11.16 -13.88
C ASP A 63 -1.17 9.68 -14.03
N ILE A 64 -0.13 9.20 -13.36
CA ILE A 64 0.23 7.79 -13.44
C ILE A 64 -0.34 7.06 -12.22
N TRP A 65 -1.15 6.03 -12.47
CA TRP A 65 -1.77 5.27 -11.39
C TRP A 65 -1.14 3.90 -11.33
N THR A 66 -0.95 3.37 -10.12
CA THR A 66 -0.54 1.97 -9.99
C THR A 66 -1.68 1.22 -9.34
N LEU A 67 -2.07 0.11 -9.97
CA LEU A 67 -3.19 -0.71 -9.49
C LEU A 67 -2.61 -1.99 -8.92
N TYR A 68 -2.37 -2.01 -7.61
CA TYR A 68 -1.67 -3.12 -7.00
C TYR A 68 -2.50 -4.39 -6.83
N GLU A 69 -3.82 -4.25 -6.96
CA GLU A 69 -4.71 -5.36 -6.60
C GLU A 69 -5.63 -5.82 -7.74
N LEU A 70 -5.15 -5.64 -8.96
CA LEU A 70 -5.90 -6.09 -10.13
C LEU A 70 -6.01 -7.62 -10.12
N SER A 71 -7.24 -8.14 -10.12
CA SER A 71 -7.46 -9.58 -10.08
C SER A 71 -8.80 -9.92 -10.72
N TRP A 72 -8.80 -11.01 -11.47
CA TRP A 72 -10.00 -11.43 -12.19
C TRP A 72 -9.93 -12.94 -12.32
N LEU A 73 -10.90 -13.54 -12.98
CA LEU A 73 -10.87 -14.98 -13.22
C LEU A 73 -10.54 -15.27 -14.67
N ASN A 74 -9.76 -16.32 -14.93
CA ASN A 74 -9.55 -16.72 -16.32
C ASN A 74 -10.80 -17.42 -16.87
N GLN A 75 -10.71 -17.93 -18.09
N GLN A 75 -10.66 -17.99 -18.06
CA GLN A 75 -11.91 -18.49 -18.71
CA GLN A 75 -11.82 -18.55 -18.72
C GLN A 75 -12.39 -19.74 -18.01
C GLN A 75 -12.41 -19.66 -17.87
N LYS A 76 -11.52 -20.37 -17.22
CA LYS A 76 -11.87 -21.57 -16.45
C LYS A 76 -12.14 -21.26 -14.98
N GLY A 77 -12.24 -19.98 -14.64
CA GLY A 77 -12.58 -19.59 -13.28
C GLY A 77 -11.43 -19.56 -12.27
N LEU A 78 -10.20 -19.70 -12.75
CA LEU A 78 -9.04 -19.69 -11.86
C LEU A 78 -8.55 -18.26 -11.70
N PRO A 79 -8.43 -17.79 -10.44
CA PRO A 79 -8.01 -16.41 -10.27
C PRO A 79 -6.67 -16.07 -10.92
N GLN A 80 -6.59 -14.84 -11.41
CA GLN A 80 -5.40 -14.24 -11.98
C GLN A 80 -5.09 -12.98 -11.17
N VAL A 81 -3.80 -12.70 -10.97
CA VAL A 81 -3.41 -11.46 -10.32
C VAL A 81 -2.37 -10.72 -11.15
N ALA A 82 -2.41 -9.40 -11.12
CA ALA A 82 -1.49 -8.59 -11.91
C ALA A 82 -1.34 -7.23 -11.26
N ILE A 83 -0.35 -6.46 -11.72
CA ILE A 83 -0.29 -5.07 -11.33
C ILE A 83 -0.59 -4.25 -12.57
N GLY A 84 -1.52 -3.31 -12.45
CA GLY A 84 -1.83 -2.41 -13.56
C GLY A 84 -1.06 -1.12 -13.47
N GLU A 85 -0.58 -0.63 -14.61
CA GLU A 85 0.02 0.69 -14.67
C GLU A 85 -0.78 1.50 -15.68
N VAL A 86 -1.32 2.63 -15.23
CA VAL A 86 -2.22 3.43 -16.05
C VAL A 86 -1.71 4.87 -16.17
N SER A 87 -1.77 5.43 -17.38
CA SER A 87 -1.43 6.85 -17.53
C SER A 87 -2.61 7.61 -18.10
N ILE A 88 -3.04 8.65 -17.39
CA ILE A 88 -4.18 9.46 -17.81
C ILE A 88 -3.65 10.83 -18.20
N PRO A 89 -3.87 11.25 -19.45
CA PRO A 89 -3.28 12.54 -19.87
C PRO A 89 -3.82 13.71 -19.07
N ALA A 90 -2.97 14.70 -18.76
CA ALA A 90 -3.40 15.87 -18.00
C ALA A 90 -4.39 16.73 -18.77
N THR A 91 -4.50 16.50 -20.08
CA THR A 91 -5.47 17.21 -20.91
C THR A 91 -6.85 16.56 -20.90
N SER A 92 -7.00 15.42 -20.21
CA SER A 92 -8.30 14.77 -20.15
C SER A 92 -9.30 15.68 -19.45
N ALA A 93 -10.55 15.65 -19.89
CA ALA A 93 -11.56 16.46 -19.21
C ALA A 93 -11.67 16.11 -17.73
N ASN A 94 -11.56 14.82 -17.42
CA ASN A 94 -11.83 14.34 -16.07
C ASN A 94 -10.68 13.57 -15.48
N LEU A 95 -10.58 13.61 -14.16
CA LEU A 95 -9.82 12.60 -13.47
C LEU A 95 -10.81 11.56 -12.98
N ILE A 96 -10.31 10.43 -12.48
CA ILE A 96 -11.19 9.36 -12.03
C ILE A 96 -11.15 9.35 -10.52
N GLU A 97 -12.31 9.37 -9.86
CA GLU A 97 -12.31 9.36 -8.39
C GLU A 97 -11.81 8.00 -7.92
N SER A 98 -10.86 8.01 -6.98
N SER A 98 -10.87 8.00 -6.98
CA SER A 98 -10.12 6.81 -6.60
CA SER A 98 -10.13 6.79 -6.63
C SER A 98 -10.97 5.69 -6.01
C SER A 98 -10.98 5.68 -6.01
N LYS A 99 -11.91 6.02 -5.13
CA LYS A 99 -12.75 4.99 -4.51
C LYS A 99 -13.60 4.32 -5.57
N SER A 100 -14.15 5.11 -6.48
CA SER A 100 -14.94 4.54 -7.58
C SER A 100 -14.06 3.65 -8.47
N PHE A 101 -12.81 4.03 -8.68
CA PHE A 101 -11.85 3.23 -9.45
C PHE A 101 -11.62 1.90 -8.72
N LYS A 102 -11.40 1.94 -7.41
CA LYS A 102 -11.25 0.71 -6.63
C LYS A 102 -12.47 -0.21 -6.78
N LEU A 103 -13.67 0.33 -6.56
CA LEU A 103 -14.89 -0.47 -6.68
C LEU A 103 -15.08 -1.06 -8.08
N TYR A 104 -14.75 -0.27 -9.11
CA TYR A 104 -14.79 -0.76 -10.48
C TYR A 104 -13.84 -1.94 -10.63
N LEU A 105 -12.61 -1.79 -10.12
CA LEU A 105 -11.66 -2.90 -10.22
C LEU A 105 -12.13 -4.14 -9.45
N ASN A 106 -12.75 -3.94 -8.30
CA ASN A 106 -13.30 -5.07 -7.54
C ASN A 106 -14.33 -5.86 -8.35
N SER A 107 -15.03 -5.18 -9.25
CA SER A 107 -16.03 -5.88 -10.06
C SER A 107 -15.42 -6.89 -11.02
N TYR A 108 -14.10 -6.82 -11.22
CA TYR A 108 -13.40 -7.84 -12.04
C TYR A 108 -13.16 -9.12 -11.27
N ASN A 109 -13.16 -9.03 -9.93
CA ASN A 109 -12.64 -10.14 -9.10
C ASN A 109 -13.33 -11.48 -9.31
N GLN A 110 -14.64 -11.47 -9.55
CA GLN A 110 -15.40 -12.71 -9.76
C GLN A 110 -15.91 -12.85 -11.18
N THR A 111 -15.26 -12.14 -12.11
CA THR A 111 -15.66 -12.17 -13.52
C THR A 111 -14.64 -12.92 -14.34
N ARG A 112 -15.11 -13.85 -15.17
CA ARG A 112 -14.21 -14.57 -16.08
C ARG A 112 -13.92 -13.73 -17.32
N PHE A 113 -12.64 -13.66 -17.69
CA PHE A 113 -12.21 -13.02 -18.93
C PHE A 113 -11.42 -14.01 -19.78
N ALA A 114 -11.55 -13.86 -21.10
CA ALA A 114 -10.96 -14.80 -22.05
C ALA A 114 -9.43 -14.85 -22.02
N SER A 115 -8.80 -13.72 -21.74
CA SER A 115 -7.34 -13.60 -21.78
C SER A 115 -6.93 -12.33 -21.07
N TRP A 116 -5.63 -12.22 -20.79
CA TRP A 116 -5.08 -11.00 -20.21
C TRP A 116 -5.26 -9.85 -21.19
N ASP A 117 -5.27 -10.16 -22.49
CA ASP A 117 -5.51 -9.12 -23.50
C ASP A 117 -6.92 -8.53 -23.40
N GLU A 118 -7.92 -9.36 -23.12
CA GLU A 118 -9.28 -8.83 -22.94
C GLU A 118 -9.35 -7.89 -21.75
N VAL A 119 -8.67 -8.25 -20.67
CA VAL A 119 -8.64 -7.38 -19.48
C VAL A 119 -8.04 -6.01 -19.79
N GLN A 120 -6.90 -6.02 -20.48
N GLN A 120 -6.90 -6.01 -20.48
CA GLN A 120 -6.25 -4.76 -20.83
CA GLN A 120 -6.25 -4.75 -20.84
C GLN A 120 -7.16 -3.92 -21.73
C GLN A 120 -7.15 -3.91 -21.74
N THR A 121 -7.79 -4.56 -22.71
CA THR A 121 -8.71 -3.88 -23.62
C THR A 121 -9.89 -3.24 -22.90
N ARG A 122 -10.52 -3.99 -21.99
CA ARG A 122 -11.64 -3.45 -21.23
C ARG A 122 -11.19 -2.27 -20.37
N LEU A 123 -10.03 -2.37 -19.74
CA LEU A 123 -9.52 -1.28 -18.92
C LEU A 123 -9.27 -0.02 -19.75
N VAL A 124 -8.60 -0.17 -20.89
CA VAL A 124 -8.39 0.98 -21.76
C VAL A 124 -9.72 1.61 -22.16
N HIS A 125 -10.68 0.78 -22.54
CA HIS A 125 -11.98 1.30 -23.00
C HIS A 125 -12.72 2.07 -21.91
N ASP A 126 -12.87 1.46 -20.74
CA ASP A 126 -13.67 2.06 -19.67
C ASP A 126 -12.98 3.27 -19.06
N LEU A 127 -11.68 3.18 -18.83
CA LEU A 127 -10.96 4.30 -18.23
C LEU A 127 -10.86 5.48 -19.19
N SER A 128 -10.68 5.20 -20.48
CA SER A 128 -10.69 6.26 -21.50
C SER A 128 -12.05 6.95 -21.55
N ALA A 129 -13.13 6.18 -21.48
CA ALA A 129 -14.46 6.76 -21.53
C ALA A 129 -14.68 7.70 -20.34
N CYS A 130 -14.24 7.26 -19.16
CA CYS A 130 -14.42 8.03 -17.94
C CYS A 130 -13.56 9.30 -17.94
N ALA A 131 -12.29 9.17 -18.30
CA ALA A 131 -11.40 10.33 -18.34
C ALA A 131 -11.76 11.31 -19.44
N GLY A 132 -12.28 10.81 -20.55
CA GLY A 132 -12.61 11.65 -21.69
C GLY A 132 -11.50 11.74 -22.72
N GLU A 133 -10.43 10.97 -22.52
CA GLU A 133 -9.33 10.91 -23.49
C GLU A 133 -8.70 9.54 -23.36
N THR A 134 -8.03 9.10 -24.42
CA THR A 134 -7.37 7.81 -24.42
C THR A 134 -6.36 7.68 -23.28
N VAL A 135 -6.54 6.66 -22.46
CA VAL A 135 -5.61 6.35 -21.37
C VAL A 135 -4.75 5.16 -21.82
N THR A 136 -3.53 5.11 -21.29
N THR A 136 -3.50 5.20 -21.34
CA THR A 136 -2.64 3.99 -21.56
CA THR A 136 -2.61 4.08 -21.60
C THR A 136 -2.69 3.01 -20.40
C THR A 136 -2.66 3.10 -20.44
N VAL A 137 -2.73 1.72 -20.71
CA VAL A 137 -2.80 0.70 -19.67
C VAL A 137 -1.82 -0.43 -19.95
N ASN A 138 -0.99 -0.74 -18.95
N ASN A 138 -1.00 -0.75 -18.95
CA ASN A 138 -0.15 -1.93 -18.99
CA ASN A 138 -0.16 -1.94 -19.02
C ASN A 138 -0.56 -2.89 -17.90
C ASN A 138 -0.54 -2.89 -17.90
N VAL A 139 -0.84 -4.14 -18.25
CA VAL A 139 -1.20 -5.13 -17.26
C VAL A 139 0.01 -6.05 -17.12
N LYS A 140 0.64 -6.03 -15.95
CA LYS A 140 1.92 -6.72 -15.76
C LYS A 140 1.84 -7.89 -14.80
N SER A 141 2.48 -9.01 -15.16
CA SER A 141 2.51 -10.14 -14.25
C SER A 141 3.42 -9.80 -13.07
N LEU A 142 3.17 -10.45 -11.94
CA LEU A 142 3.92 -10.12 -10.73
C LEU A 142 5.41 -10.40 -10.88
N ASN A 143 5.78 -11.38 -11.68
CA ASN A 143 7.20 -11.67 -11.87
C ASN A 143 7.97 -10.56 -12.59
N GLU A 144 7.26 -9.61 -13.19
CA GLU A 144 7.91 -8.45 -13.82
C GLU A 144 8.54 -7.52 -12.78
N TYR A 145 8.25 -7.75 -11.51
CA TYR A 145 8.72 -6.87 -10.45
C TYR A 145 9.80 -7.52 -9.60
N THR A 146 10.04 -8.81 -9.78
CA THR A 146 10.99 -9.53 -8.94
C THR A 146 12.39 -8.94 -9.06
N ALA A 147 12.99 -8.64 -7.90
CA ALA A 147 14.32 -8.04 -7.81
C ALA A 147 14.41 -6.64 -8.38
N GLU A 148 13.28 -5.96 -8.57
CA GLU A 148 13.33 -4.54 -8.90
C GLU A 148 13.54 -3.73 -7.63
N PRO A 149 14.45 -2.75 -7.67
CA PRO A 149 14.79 -2.01 -6.46
C PRO A 149 13.88 -0.84 -6.18
N ILE A 150 13.69 -0.57 -4.90
CA ILE A 150 13.00 0.64 -4.46
C ILE A 150 13.91 1.83 -4.79
N VAL A 151 13.31 2.91 -5.27
CA VAL A 151 14.10 4.07 -5.63
C VAL A 151 13.77 5.26 -4.72
N THR A 152 14.68 6.22 -4.68
CA THR A 152 14.35 7.51 -4.11
C THR A 152 14.30 8.54 -5.22
N GLN A 154 15.32 12.17 -7.35
CA GLN A 154 16.55 12.72 -7.89
C GLN A 154 16.97 14.00 -7.19
N GLY A 155 18.27 14.25 -7.20
CA GLY A 155 18.76 15.53 -6.72
C GLY A 155 18.83 15.65 -5.22
N GLU A 156 18.70 16.87 -4.73
CA GLU A 156 18.94 17.19 -3.34
C GLU A 156 17.67 17.17 -2.51
N CYS A 157 17.71 16.41 -1.43
CA CYS A 157 16.59 16.40 -0.51
C CYS A 157 16.65 17.66 0.36
N ILE A 158 15.52 18.36 0.49
CA ILE A 158 15.51 19.63 1.22
C ILE A 158 14.99 19.50 2.65
N ASP A 159 14.80 18.27 3.11
CA ASP A 159 14.10 18.04 4.38
C ASP A 159 14.94 18.28 5.63
N ASP A 160 16.26 18.17 5.51
CA ASP A 160 17.13 18.27 6.68
C ASP A 160 17.45 19.72 7.04
N GLN A 161 16.43 20.41 7.55
CA GLN A 161 16.59 21.79 7.96
C GLN A 161 16.22 21.97 9.43
N ASP A 162 16.98 22.81 10.12
CA ASP A 162 16.76 23.02 11.55
C ASP A 162 15.86 24.22 11.77
N ILE A 163 14.65 24.15 11.21
CA ILE A 163 13.70 25.26 11.27
C ILE A 163 12.50 24.94 12.16
N GLU A 164 11.85 25.98 12.66
N GLU A 164 11.84 25.99 12.65
CA GLU A 164 10.64 25.84 13.47
CA GLU A 164 10.64 25.86 13.44
C GLU A 164 9.39 26.18 12.65
C GLU A 164 9.40 26.16 12.60
N ILE A 165 8.37 25.34 12.78
CA ILE A 165 7.10 25.56 12.10
C ILE A 165 6.09 26.05 13.15
N ALA A 166 5.51 27.23 12.94
CA ALA A 166 4.66 27.85 13.97
C ALA A 166 3.15 27.63 13.79
N ASN A 167 2.73 27.23 12.60
CA ASN A 167 1.34 26.88 12.34
C ASN A 167 1.26 26.01 11.10
N TYR A 168 0.10 25.42 10.83
CA TYR A 168 0.00 24.48 9.72
C TYR A 168 -1.07 24.87 8.71
N GLU A 169 -1.22 26.18 8.52
CA GLU A 169 -2.21 26.71 7.61
C GLU A 169 -1.59 26.90 6.23
N PHE A 170 -2.30 26.51 5.17
CA PHE A 170 -1.74 26.65 3.83
C PHE A 170 -1.43 28.11 3.52
N ASP A 171 -0.27 28.38 2.93
CA ASP A 171 0.12 29.75 2.65
C ASP A 171 1.02 29.83 1.42
N ASP A 172 0.43 30.13 0.27
CA ASP A 172 1.22 30.21 -0.96
C ASP A 172 2.20 31.38 -0.92
N ALA A 173 1.91 32.39 -0.10
CA ALA A 173 2.79 33.56 0.01
C ALA A 173 4.14 33.20 0.66
N LEU A 174 4.26 31.98 1.18
CA LEU A 174 5.56 31.52 1.68
C LEU A 174 6.61 31.52 0.56
N LEU A 175 6.14 31.49 -0.69
CA LEU A 175 7.04 31.49 -1.84
C LEU A 175 7.39 32.89 -2.31
N GLN A 176 6.79 33.91 -1.70
CA GLN A 176 7.07 35.29 -2.08
C GLN A 176 8.56 35.59 -1.96
N GLY A 177 9.19 35.95 -3.08
CA GLY A 177 10.61 36.25 -3.09
C GLY A 177 11.52 35.06 -2.90
N ALA A 178 11.00 33.85 -3.09
CA ALA A 178 11.78 32.63 -2.88
C ALA A 178 12.85 32.36 -3.94
N ALA A 179 12.74 33.03 -5.09
CA ALA A 179 13.69 32.75 -6.18
C ALA A 179 14.51 33.98 -6.48
N GLN A 180 15.53 34.22 -5.66
CA GLN A 180 16.37 35.39 -5.88
C GLN A 180 17.84 35.02 -6.07
N GLY A 181 18.11 33.76 -6.32
CA GLY A 181 19.47 33.33 -6.59
C GLY A 181 19.91 33.45 -8.04
N GLU A 182 21.14 33.02 -8.30
CA GLU A 182 21.66 33.04 -9.66
C GLU A 182 20.91 32.03 -10.54
N GLU A 183 21.04 32.17 -11.85
CA GLU A 183 20.38 31.27 -12.77
C GLU A 183 20.97 29.87 -12.63
N VAL A 184 20.11 28.89 -12.37
CA VAL A 184 20.54 27.50 -12.22
C VAL A 184 19.59 26.52 -12.90
N SER A 185 20.07 25.30 -13.09
CA SER A 185 19.20 24.19 -13.40
C SER A 185 19.47 23.17 -12.30
N GLU A 186 18.44 22.80 -11.56
CA GLU A 186 18.65 21.80 -10.51
C GLU A 186 17.37 21.03 -10.21
N VAL A 187 17.55 19.96 -9.44
CA VAL A 187 16.45 19.09 -9.03
C VAL A 187 16.47 19.00 -7.51
N LEU A 188 15.31 19.25 -6.90
CA LEU A 188 15.13 19.21 -5.46
C LEU A 188 14.02 18.21 -5.16
N HIS A 189 14.02 17.63 -3.96
CA HIS A 189 12.89 16.81 -3.58
C HIS A 189 12.64 16.85 -2.08
N SER A 190 11.43 16.42 -1.70
CA SER A 190 11.06 16.33 -0.30
C SER A 190 10.16 15.13 -0.11
N HIS A 191 10.28 14.48 1.04
CA HIS A 191 9.38 13.38 1.40
C HIS A 191 8.35 13.83 2.39
N LEU A 192 8.24 15.13 2.63
CA LEU A 192 7.38 15.60 3.72
C LEU A 192 6.04 16.14 3.26
N LEU A 193 5.69 15.91 2.00
CA LEU A 193 4.39 16.36 1.50
C LEU A 193 3.24 15.53 2.09
N LYS A 194 2.29 16.23 2.71
CA LYS A 194 1.10 15.57 3.20
C LYS A 194 -0.04 16.52 2.94
N SER A 195 -1.17 15.99 2.50
CA SER A 195 -2.39 16.79 2.37
C SER A 195 -3.53 15.95 2.91
N ASN A 196 -4.73 16.50 2.96
N ASN A 196 -4.73 16.49 2.90
CA ASN A 196 -5.85 15.72 3.45
CA ASN A 196 -5.86 15.76 3.43
C ASN A 196 -6.87 15.41 2.37
C ASN A 196 -6.89 15.42 2.35
N CYS A 197 -7.43 14.22 2.44
CA CYS A 197 -8.48 13.77 1.56
C CYS A 197 -9.81 13.99 2.25
N LEU A 198 -10.46 15.12 1.97
CA LEU A 198 -11.69 15.51 2.64
C LEU A 198 -12.82 14.47 2.62
N ILE A 199 -13.02 13.81 1.50
CA ILE A 199 -14.17 12.90 1.38
C ILE A 199 -14.02 11.62 2.20
N THR A 200 -12.80 11.32 2.64
CA THR A 200 -12.58 10.16 3.52
C THR A 200 -12.07 10.56 4.91
N ASN A 201 -11.75 11.84 5.07
CA ASN A 201 -11.10 12.33 6.28
C ASN A 201 -9.83 11.54 6.57
N GLN A 202 -8.99 11.40 5.55
CA GLN A 202 -7.77 10.62 5.69
C GLN A 202 -6.61 11.34 5.06
N PRO A 203 -5.43 11.30 5.72
CA PRO A 203 -4.27 11.97 5.14
C PRO A 203 -3.74 11.28 3.88
N ASP A 204 -3.14 12.05 3.00
CA ASP A 204 -2.43 11.53 1.85
C ASP A 204 -0.96 11.83 2.03
N TRP A 205 -0.09 10.86 1.75
CA TRP A 205 1.33 11.01 1.96
C TRP A 205 2.09 10.96 0.65
N GLY A 206 2.94 11.94 0.41
CA GLY A 206 3.68 11.96 -0.84
C GLY A 206 5.11 12.41 -0.72
N SER A 207 5.89 12.06 -1.72
CA SER A 207 7.20 12.69 -1.95
C SER A 207 7.03 13.51 -3.21
N VAL A 208 7.80 14.58 -3.32
CA VAL A 208 7.65 15.45 -4.48
C VAL A 208 9.01 15.92 -4.96
N GLU A 209 9.18 15.88 -6.29
CA GLU A 209 10.44 16.23 -6.94
C GLU A 209 10.18 17.44 -7.82
N ILE A 210 11.04 18.45 -7.68
CA ILE A 210 10.88 19.70 -8.41
C ILE A 210 12.17 19.94 -9.16
N ALA A 211 12.05 19.98 -10.49
CA ALA A 211 13.21 20.24 -11.36
C ALA A 211 12.94 21.52 -12.13
N TYR A 212 13.90 22.43 -12.15
CA TYR A 212 13.67 23.70 -12.83
C TYR A 212 14.92 24.33 -13.38
N HIS A 213 14.69 25.25 -14.30
CA HIS A 213 15.72 26.16 -14.78
C HIS A 213 15.22 27.57 -14.49
N GLY A 214 15.93 28.30 -13.62
CA GLY A 214 15.52 29.65 -13.28
C GLY A 214 16.34 30.17 -12.12
N ALA A 215 15.94 31.29 -11.52
CA ALA A 215 16.67 31.83 -10.36
C ALA A 215 16.64 30.82 -9.24
N LYS A 216 17.79 30.59 -8.61
CA LYS A 216 17.90 29.57 -7.57
C LYS A 216 16.92 29.79 -6.42
N ASN A 218 15.05 29.49 -2.73
CA ASN A 218 15.36 29.35 -1.31
C ASN A 218 14.77 28.05 -0.77
N ARG A 219 15.63 27.21 -0.20
N ARG A 219 15.61 27.19 -0.23
CA ARG A 219 15.24 25.87 0.24
CA ARG A 219 15.17 25.89 0.22
C ARG A 219 14.28 25.92 1.42
C ARG A 219 14.21 25.95 1.40
N GLU A 220 14.48 26.89 2.30
CA GLU A 220 13.63 27.04 3.49
C GLU A 220 12.22 27.45 3.08
N ALA A 221 12.11 28.40 2.17
CA ALA A 221 10.81 28.85 1.69
C ALA A 221 10.07 27.72 1.03
N LEU A 222 10.78 26.96 0.20
CA LEU A 222 10.15 25.84 -0.49
C LEU A 222 9.65 24.79 0.50
N LEU A 223 10.48 24.45 1.49
CA LEU A 223 10.10 23.44 2.45
C LEU A 223 8.91 23.93 3.27
N ARG A 224 8.93 25.18 3.71
CA ARG A 224 7.81 25.73 4.47
C ARG A 224 6.52 25.70 3.65
N TYR A 225 6.63 26.07 2.37
CA TYR A 225 5.46 26.03 1.50
C TYR A 225 4.84 24.64 1.41
N LEU A 226 5.68 23.62 1.18
CA LEU A 226 5.19 22.26 1.07
C LEU A 226 4.59 21.78 2.39
N VAL A 227 5.24 22.12 3.49
CA VAL A 227 4.72 21.72 4.82
C VAL A 227 3.37 22.34 5.08
N SER A 228 3.11 23.49 4.46
CA SER A 228 1.87 24.20 4.73
C SER A 228 0.66 23.51 4.09
N PHE A 229 0.90 22.47 3.28
CA PHE A 229 -0.22 21.67 2.76
C PHE A 229 -0.79 20.71 3.81
N ARG A 230 -0.14 20.60 4.96
CA ARG A 230 -0.39 19.47 5.88
C ARG A 230 -1.86 19.31 6.32
N GLU A 231 -2.61 20.42 6.39
CA GLU A 231 -4.01 20.35 6.78
C GLU A 231 -4.93 20.94 5.70
N HIS A 232 -4.41 20.95 4.48
CA HIS A 232 -5.10 21.43 3.27
C HIS A 232 -5.86 20.29 2.61
N ASN A 233 -7.14 20.51 2.30
CA ASN A 233 -7.93 19.50 1.58
C ASN A 233 -7.81 19.67 0.07
N GLU A 234 -7.28 18.65 -0.62
CA GLU A 234 -7.34 18.64 -2.08
C GLU A 234 -6.94 17.26 -2.56
N PHE A 235 -7.30 16.94 -3.80
CA PHE A 235 -6.87 15.69 -4.42
C PHE A 235 -5.38 15.74 -4.76
N ALA A 236 -4.76 14.57 -4.88
CA ALA A 236 -3.32 14.50 -5.22
C ALA A 236 -3.00 15.26 -6.50
N GLU A 237 -3.81 15.03 -7.52
CA GLU A 237 -3.62 15.68 -8.83
C GLU A 237 -3.71 17.20 -8.70
N GLN A 238 -4.64 17.65 -7.87
CA GLN A 238 -4.90 19.07 -7.67
C GLN A 238 -3.78 19.74 -6.87
N CYS A 239 -3.23 19.02 -5.89
N CYS A 239 -3.24 19.02 -5.88
CA CYS A 239 -2.11 19.56 -5.13
CA CYS A 239 -2.11 19.51 -5.11
C CYS A 239 -0.89 19.78 -6.03
C CYS A 239 -0.90 19.77 -6.01
N VAL A 240 -0.60 18.81 -6.89
CA VAL A 240 0.53 18.96 -7.80
C VAL A 240 0.34 20.15 -8.72
N GLU A 241 -0.88 20.35 -9.21
CA GLU A 241 -1.12 21.51 -10.08
C GLU A 241 -0.99 22.83 -9.34
N ARG A 242 -1.41 22.84 -8.07
CA ARG A 242 -1.27 24.03 -7.23
C ARG A 242 0.21 24.34 -6.99
N ILE A 243 0.99 23.31 -6.67
CA ILE A 243 2.44 23.49 -6.48
C ILE A 243 3.06 24.06 -7.73
N PHE A 244 2.73 23.47 -8.88
CA PHE A 244 3.29 23.93 -10.15
C PHE A 244 2.94 25.39 -10.41
N THR A 245 1.67 25.73 -10.26
CA THR A 245 1.23 27.08 -10.61
C THR A 245 1.74 28.09 -9.59
N ASP A 246 1.84 27.69 -8.31
CA ASP A 246 2.38 28.62 -7.31
C ASP A 246 3.86 28.92 -7.56
N ILE A 247 4.65 27.88 -7.84
CA ILE A 247 6.06 28.09 -8.14
C ILE A 247 6.22 28.92 -9.40
N ARG A 249 4.22 31.26 -10.61
N ARG A 249 4.20 31.21 -10.56
CA ARG A 249 3.93 32.69 -10.43
CA ARG A 249 3.82 32.60 -10.33
C ARG A 249 4.84 33.39 -9.44
C ARG A 249 4.81 33.35 -9.45
N TYR A 250 5.25 32.70 -8.38
CA TYR A 250 6.12 33.35 -7.40
C TYR A 250 7.60 33.30 -7.74
N CYS A 251 8.03 32.22 -8.40
CA CYS A 251 9.46 32.01 -8.66
C CYS A 251 9.86 32.25 -10.11
N GLN A 252 8.87 32.17 -11.00
CA GLN A 252 9.03 32.43 -12.43
C GLN A 252 10.21 31.75 -13.11
N PRO A 253 10.34 30.43 -12.92
CA PRO A 253 11.41 29.72 -13.63
C PRO A 253 11.15 29.69 -15.13
N GLN A 254 12.19 29.54 -15.94
CA GLN A 254 12.00 29.45 -17.38
C GLN A 254 11.35 28.13 -17.75
N SER A 255 11.68 27.08 -17.00
CA SER A 255 11.00 25.80 -17.16
C SER A 255 10.93 25.06 -15.84
N LEU A 256 9.89 24.25 -15.71
CA LEU A 256 9.56 23.65 -14.42
C LEU A 256 8.91 22.29 -14.60
N THR A 257 9.27 21.36 -13.71
CA THR A 257 8.61 20.06 -13.66
C THR A 257 8.35 19.72 -12.20
N VAL A 258 7.13 19.28 -11.91
CA VAL A 258 6.75 18.83 -10.57
C VAL A 258 6.19 17.41 -10.69
N TYR A 259 6.79 16.48 -9.95
CA TYR A 259 6.39 15.07 -10.00
C TYR A 259 6.19 14.64 -8.55
N ALA A 260 4.97 14.23 -8.19
CA ALA A 260 4.73 13.71 -6.84
C ALA A 260 4.37 12.25 -6.92
N ARG A 261 4.81 11.50 -5.92
CA ARG A 261 4.46 10.10 -5.85
C ARG A 261 3.82 9.84 -4.49
N TYR A 262 2.54 9.51 -4.51
CA TYR A 262 1.75 9.35 -3.29
C TYR A 262 1.60 7.89 -2.90
N THR A 263 1.45 7.64 -1.59
CA THR A 263 1.21 6.28 -1.14
C THR A 263 -0.23 5.88 -1.48
N ARG A 264 -0.44 4.58 -1.66
CA ARG A 264 -1.72 4.08 -2.12
C ARG A 264 -2.86 4.24 -1.10
N ARG A 265 -4.07 4.31 -1.63
CA ARG A 265 -5.28 4.22 -0.84
C ARG A 265 -6.17 3.26 -1.59
N GLY A 266 -6.68 2.26 -0.88
CA GLY A 266 -7.57 1.32 -1.49
C GLY A 266 -6.91 0.49 -2.58
N GLY A 267 -5.60 0.31 -2.47
CA GLY A 267 -4.89 -0.51 -3.44
C GLY A 267 -4.45 0.23 -4.69
N LEU A 268 -4.68 1.55 -4.71
N LEU A 268 -4.68 1.54 -4.73
CA LEU A 268 -4.38 2.40 -5.86
CA LEU A 268 -4.35 2.38 -5.88
C LEU A 268 -3.50 3.57 -5.45
C LEU A 268 -3.50 3.56 -5.46
N ASP A 269 -2.41 3.81 -6.18
CA ASP A 269 -1.65 5.04 -5.94
C ASP A 269 -1.65 5.98 -7.15
N ILE A 270 -1.51 7.26 -6.84
CA ILE A 270 -1.58 8.28 -7.88
C ILE A 270 -0.26 9.05 -7.88
N ASN A 271 0.25 9.30 -9.08
CA ASN A 271 1.55 9.94 -9.23
C ASN A 271 1.45 11.02 -10.28
N PRO A 272 1.03 12.23 -9.87
CA PRO A 272 0.80 13.26 -10.88
C PRO A 272 2.11 13.89 -11.34
N PHE A 273 2.20 14.13 -12.65
CA PHE A 273 3.38 14.72 -13.26
C PHE A 273 2.95 15.93 -14.08
N ARG A 274 3.54 17.09 -13.80
CA ARG A 274 3.22 18.31 -14.57
C ARG A 274 4.50 19.03 -14.94
N SER A 275 4.60 19.47 -16.18
CA SER A 275 5.86 20.00 -16.68
C SER A 275 5.61 21.05 -17.75
N SER A 276 6.51 22.05 -17.83
CA SER A 276 6.52 22.99 -18.95
C SER A 276 6.70 22.31 -20.29
N HIS A 277 7.67 21.41 -20.37
CA HIS A 277 8.17 20.92 -21.65
C HIS A 277 8.16 19.41 -21.79
N GLN A 278 7.94 18.67 -20.70
CA GLN A 278 8.03 17.22 -20.75
C GLN A 278 6.64 16.59 -20.73
N SER A 279 6.45 15.55 -21.53
CA SER A 279 5.14 14.92 -21.68
C SER A 279 4.87 13.82 -20.66
N ALA A 280 5.94 13.27 -20.08
CA ALA A 280 5.84 12.12 -19.18
C ALA A 280 7.07 12.06 -18.30
N PRO A 281 6.94 11.44 -17.11
CA PRO A 281 8.12 11.36 -16.25
C PRO A 281 9.11 10.35 -16.78
N ASN A 282 10.32 10.38 -16.23
CA ASN A 282 11.39 9.55 -16.75
C ASN A 282 11.34 8.12 -16.24
N HIS A 283 10.50 7.90 -15.24
N HIS A 283 10.42 7.85 -15.34
CA HIS A 283 10.40 6.58 -14.58
CA HIS A 283 10.23 6.49 -14.87
C HIS A 283 9.06 6.46 -13.86
C HIS A 283 9.03 6.44 -13.95
N ASN A 284 8.64 5.23 -13.59
CA ASN A 284 7.46 4.98 -12.79
C ASN A 284 7.82 3.84 -11.83
N GLN A 285 8.79 4.10 -10.97
CA GLN A 285 9.33 3.10 -10.06
C GLN A 285 8.89 3.47 -8.67
N ARG A 286 8.58 2.47 -7.85
CA ARG A 286 8.02 2.75 -6.54
C ARG A 286 9.05 3.24 -5.54
N ALA A 288 9.95 4.23 -1.26
CA ALA A 288 9.97 3.45 -0.02
C ALA A 288 8.58 3.25 0.60
N ARG A 289 7.77 4.31 0.66
CA ARG A 289 6.48 4.20 1.32
C ARG A 289 5.39 3.68 0.41
N GLN A 290 5.68 3.58 -0.88
CA GLN A 290 4.66 3.17 -1.84
C GLN A 290 4.49 1.67 -1.92
N ASN B 32 -6.67 15.13 15.98
CA ASN B 32 -6.43 14.40 17.22
C ASN B 32 -4.96 14.03 17.38
N GLN B 33 -4.40 14.27 18.55
CA GLN B 33 -3.00 13.96 18.79
C GLN B 33 -2.84 12.66 19.54
N TYR B 34 -1.60 12.32 19.92
CA TYR B 34 -1.22 11.01 20.47
C TYR B 34 -2.28 10.42 21.39
N ASP B 35 -2.78 9.25 21.02
CA ASP B 35 -3.87 8.66 21.78
C ASP B 35 -3.81 7.14 21.80
N PRO B 36 -3.09 6.56 22.79
CA PRO B 36 -2.94 5.11 22.87
C PRO B 36 -4.26 4.40 23.13
N SER B 37 -5.28 5.10 23.63
CA SER B 37 -6.56 4.45 23.90
C SER B 37 -7.27 4.04 22.61
N LEU B 38 -6.77 4.51 21.47
CA LEU B 38 -7.37 4.13 20.18
C LEU B 38 -7.12 2.67 19.82
N LEU B 39 -6.05 2.11 20.36
CA LEU B 39 -5.69 0.72 20.06
C LEU B 39 -6.78 -0.23 20.58
N GLN B 40 -7.12 -1.22 19.77
CA GLN B 40 -8.19 -2.16 20.09
C GLN B 40 -7.63 -3.58 20.07
N PRO B 41 -7.55 -4.22 21.24
CA PRO B 41 -7.09 -5.62 21.26
C PRO B 41 -8.20 -6.59 20.86
N VAL B 42 -7.83 -7.68 20.20
CA VAL B 42 -8.78 -8.78 19.98
C VAL B 42 -8.13 -10.04 20.51
N PRO B 43 -8.79 -10.73 21.46
CA PRO B 43 -8.16 -11.93 22.01
C PRO B 43 -7.96 -12.99 20.94
N ARG B 44 -6.78 -13.58 20.85
CA ARG B 44 -6.54 -14.62 19.84
C ARG B 44 -7.40 -15.85 20.09
N SER B 45 -7.75 -16.10 21.35
CA SER B 45 -8.47 -17.30 21.72
C SER B 45 -9.88 -17.36 21.13
N LEU B 46 -10.44 -16.19 20.80
CA LEU B 46 -11.78 -16.13 20.23
C LEU B 46 -11.91 -17.04 19.00
N ASN B 47 -11.03 -16.81 18.04
N ASN B 47 -11.05 -16.81 18.03
CA ASN B 47 -11.10 -17.56 16.79
CA ASN B 47 -11.14 -17.60 16.80
C ASN B 47 -10.43 -18.92 16.85
C ASN B 47 -10.42 -18.95 16.85
N ARG B 48 -9.44 -19.06 17.73
CA ARG B 48 -8.75 -20.33 17.90
C ARG B 48 -9.70 -21.38 18.45
N ASN B 49 -10.73 -20.94 19.16
CA ASN B 49 -11.81 -21.82 19.61
C ASN B 49 -12.42 -22.66 18.50
N ASP B 50 -12.69 -22.05 17.35
CA ASP B 50 -13.30 -22.77 16.24
C ASP B 50 -12.32 -23.71 15.54
N LEU B 51 -11.03 -23.57 15.87
CA LEU B 51 -10.02 -24.47 15.32
C LEU B 51 -9.84 -25.71 16.20
N HIS B 52 -10.50 -25.70 17.37
CA HIS B 52 -10.46 -26.82 18.31
C HIS B 52 -9.02 -27.17 18.70
N LEU B 53 -8.25 -26.15 19.05
CA LEU B 53 -6.85 -26.33 19.39
C LEU B 53 -6.65 -26.84 20.82
N SER B 54 -5.82 -27.86 20.95
CA SER B 54 -5.50 -28.48 22.25
C SER B 54 -4.88 -27.49 23.23
N ALA B 55 -4.66 -27.94 24.46
CA ALA B 55 -4.13 -27.11 25.55
C ALA B 55 -2.95 -26.25 25.13
N THR B 56 -2.01 -26.86 24.41
CA THR B 56 -0.83 -26.17 23.94
C THR B 56 -0.90 -25.95 22.42
N LEU B 57 -0.48 -24.78 21.97
CA LEU B 57 -0.52 -24.44 20.54
C LEU B 57 0.28 -25.43 19.69
N PRO B 58 -0.29 -25.82 18.54
CA PRO B 58 0.40 -26.74 17.62
C PRO B 58 1.41 -25.99 16.76
N PHE B 59 1.52 -24.69 16.99
CA PHE B 59 2.45 -23.86 16.21
C PHE B 59 3.14 -22.80 17.06
N GLN B 60 4.21 -22.24 16.51
CA GLN B 60 4.81 -21.03 17.06
C GLN B 60 4.95 -20.06 15.90
N GLY B 61 5.41 -18.85 16.19
CA GLY B 61 5.59 -17.87 15.13
C GLY B 61 5.27 -16.46 15.58
N CYS B 62 4.87 -15.64 14.62
CA CYS B 62 4.68 -14.22 14.88
C CYS B 62 3.91 -13.58 13.74
N ASP B 63 3.41 -12.38 14.00
CA ASP B 63 2.77 -11.59 12.98
C ASP B 63 3.67 -10.39 12.72
N ILE B 64 4.19 -10.30 11.50
CA ILE B 64 5.03 -9.19 11.12
C ILE B 64 4.19 -8.11 10.45
N TRP B 65 4.25 -6.88 10.96
CA TRP B 65 3.50 -5.79 10.37
C TRP B 65 4.46 -4.78 9.77
N THR B 66 4.09 -4.24 8.62
CA THR B 66 4.85 -3.11 8.06
C THR B 66 3.98 -1.86 8.16
N LEU B 67 4.57 -0.80 8.72
CA LEU B 67 3.87 0.48 8.92
C LEU B 67 4.47 1.48 7.94
N TYR B 68 3.83 1.62 6.79
CA TYR B 68 4.45 2.42 5.71
C TYR B 68 4.28 3.92 5.88
N GLU B 69 3.41 4.35 6.79
CA GLU B 69 3.02 5.77 6.86
C GLU B 69 3.27 6.44 8.21
N LEU B 70 4.29 5.97 8.91
N LEU B 70 4.30 5.99 8.91
CA LEU B 70 4.70 6.58 10.17
CA LEU B 70 4.66 6.54 10.20
C LEU B 70 5.12 8.03 9.95
C LEU B 70 5.19 7.98 10.04
N SER B 71 4.53 8.93 10.70
CA SER B 71 4.89 10.34 10.59
C SER B 71 4.50 11.09 11.85
N TRP B 72 5.39 11.97 12.28
CA TRP B 72 5.14 12.78 13.45
C TRP B 72 5.86 14.11 13.28
N LEU B 73 5.83 14.97 14.30
CA LEU B 73 6.56 16.23 14.22
C LEU B 73 7.73 16.20 15.18
N ASN B 74 8.85 16.83 14.80
CA ASN B 74 9.94 16.97 15.76
C ASN B 74 9.60 18.07 16.78
N GLN B 75 10.50 18.34 17.71
N GLN B 75 10.55 18.38 17.63
CA GLN B 75 10.16 19.29 18.77
CA GLN B 75 10.23 19.28 18.73
C GLN B 75 9.92 20.71 18.23
C GLN B 75 9.81 20.64 18.16
N LYS B 76 10.49 21.02 17.07
CA LYS B 76 10.31 22.34 16.48
C LYS B 76 9.16 22.37 15.49
N GLY B 77 8.47 21.25 15.38
CA GLY B 77 7.28 21.19 14.56
C GLY B 77 7.46 20.75 13.13
N LEU B 78 8.68 20.36 12.76
CA LEU B 78 8.94 19.92 11.40
C LEU B 78 8.59 18.44 11.25
N PRO B 79 7.77 18.11 10.23
CA PRO B 79 7.40 16.70 10.03
C PRO B 79 8.60 15.77 9.83
N GLN B 80 8.44 14.55 10.34
CA GLN B 80 9.36 13.44 10.18
C GLN B 80 8.58 12.31 9.56
N VAL B 81 9.24 11.50 8.72
CA VAL B 81 8.60 10.33 8.14
C VAL B 81 9.50 9.10 8.26
N ALA B 82 8.88 7.94 8.46
CA ALA B 82 9.65 6.73 8.66
C ALA B 82 8.82 5.53 8.25
N ILE B 83 9.45 4.37 8.14
CA ILE B 83 8.69 3.12 8.00
C ILE B 83 8.94 2.27 9.23
N GLY B 84 7.87 1.73 9.81
CA GLY B 84 8.01 0.87 10.97
C GLY B 84 7.88 -0.59 10.63
N GLU B 85 8.59 -1.43 11.38
N GLU B 85 8.63 -1.44 11.34
CA GLU B 85 8.44 -2.87 11.28
CA GLU B 85 8.43 -2.89 11.25
C GLU B 85 8.12 -3.36 12.68
C GLU B 85 8.15 -3.41 12.65
N VAL B 86 7.08 -4.18 12.80
CA VAL B 86 6.65 -4.66 14.10
C VAL B 86 6.54 -6.17 14.07
N SER B 87 7.00 -6.84 15.12
CA SER B 87 6.80 -8.28 15.22
C SER B 87 6.03 -8.55 16.49
N ILE B 88 4.87 -9.15 16.35
CA ILE B 88 4.03 -9.50 17.50
C ILE B 88 4.04 -11.02 17.66
N PRO B 89 4.43 -11.53 18.85
CA PRO B 89 4.49 -12.99 18.99
C PRO B 89 3.13 -13.67 18.84
N ALA B 90 3.09 -14.84 18.20
CA ALA B 90 1.83 -15.60 18.06
C ALA B 90 1.25 -16.04 19.39
N THR B 91 2.09 -16.02 20.43
CA THR B 91 1.67 -16.41 21.78
C THR B 91 1.05 -15.24 22.56
N SER B 92 1.06 -14.04 21.97
CA SER B 92 0.44 -12.89 22.65
C SER B 92 -1.05 -13.17 22.89
N ALA B 93 -1.58 -12.66 24.00
CA ALA B 93 -2.99 -12.88 24.30
C ALA B 93 -3.86 -12.28 23.21
N ASN B 94 -3.45 -11.12 22.70
CA ASN B 94 -4.28 -10.40 21.75
C ASN B 94 -3.56 -10.10 20.46
N LEU B 95 -4.34 -10.01 19.39
CA LEU B 95 -3.82 -9.35 18.22
C LEU B 95 -4.35 -7.91 18.28
N ILE B 96 -3.83 -7.06 17.41
CA ILE B 96 -4.25 -5.68 17.39
C ILE B 96 -5.11 -5.47 16.15
N GLU B 97 -6.31 -4.91 16.35
CA GLU B 97 -7.21 -4.69 15.22
C GLU B 97 -6.61 -3.61 14.32
N SER B 98 -6.57 -3.87 13.01
N SER B 98 -6.59 -3.89 13.01
CA SER B 98 -5.78 -3.04 12.10
CA SER B 98 -5.82 -3.07 12.06
C SER B 98 -6.27 -1.59 11.91
C SER B 98 -6.27 -1.61 11.92
N LYS B 99 -7.58 -1.39 11.87
CA LYS B 99 -8.11 -0.03 11.75
C LYS B 99 -7.72 0.77 12.97
N SER B 100 -7.84 0.15 14.15
CA SER B 100 -7.43 0.83 15.39
C SER B 100 -5.95 1.17 15.41
N PHE B 101 -5.13 0.29 14.85
CA PHE B 101 -3.70 0.48 14.74
C PHE B 101 -3.44 1.69 13.81
N LYS B 102 -4.13 1.73 12.68
CA LYS B 102 -4.04 2.88 11.76
C LYS B 102 -4.41 4.20 12.46
N LEU B 103 -5.54 4.22 13.17
CA LEU B 103 -5.96 5.44 13.85
C LEU B 103 -4.96 5.87 14.92
N TYR B 104 -4.45 4.89 15.67
CA TYR B 104 -3.40 5.14 16.65
C TYR B 104 -2.17 5.79 16.00
N LEU B 105 -1.72 5.23 14.88
CA LEU B 105 -0.57 5.81 14.18
C LEU B 105 -0.85 7.22 13.65
N ASN B 106 -2.03 7.43 13.11
CA ASN B 106 -2.43 8.79 12.68
C ASN B 106 -2.36 9.79 13.82
N SER B 107 -2.60 9.35 15.06
CA SER B 107 -2.56 10.27 16.19
C SER B 107 -1.14 10.84 16.42
N TYR B 108 -0.13 10.20 15.85
CA TYR B 108 1.23 10.71 15.93
C TYR B 108 1.43 11.90 15.01
N ASN B 109 0.61 12.01 13.95
CA ASN B 109 0.94 12.92 12.84
C ASN B 109 1.16 14.39 13.21
N GLN B 110 0.37 14.89 14.15
CA GLN B 110 0.49 16.29 14.59
C GLN B 110 1.07 16.41 15.99
N THR B 111 1.69 15.33 16.46
CA THR B 111 2.27 15.33 17.80
C THR B 111 3.77 15.57 17.72
N ARG B 112 4.26 16.47 18.57
CA ARG B 112 5.70 16.75 18.62
C ARG B 112 6.43 15.81 19.57
N PHE B 113 7.49 15.19 19.06
CA PHE B 113 8.34 14.30 19.85
C PHE B 113 9.78 14.78 19.79
N ALA B 114 10.52 14.66 20.89
CA ALA B 114 11.86 15.22 20.96
C ALA B 114 12.90 14.38 20.20
N SER B 115 12.57 13.13 19.90
CA SER B 115 13.53 12.25 19.23
C SER B 115 12.86 11.05 18.57
N TRP B 116 13.54 10.46 17.60
CA TRP B 116 13.09 9.22 16.99
C TRP B 116 13.09 8.09 18.02
N ASP B 117 14.04 8.16 18.95
N ASP B 117 14.06 8.25 18.91
CA ASP B 117 14.12 7.18 20.01
CA ASP B 117 14.15 7.26 19.98
C ASP B 117 12.83 7.13 20.83
C ASP B 117 12.86 7.22 20.79
N GLU B 118 12.30 8.31 21.15
CA GLU B 118 11.06 8.38 21.91
C GLU B 118 9.92 7.72 21.15
N VAL B 119 9.83 8.01 19.86
CA VAL B 119 8.79 7.41 19.02
C VAL B 119 8.89 5.89 19.03
N GLN B 120 10.08 5.33 18.82
CA GLN B 120 10.23 3.88 18.83
C GLN B 120 9.86 3.32 20.20
N THR B 121 10.29 4.01 21.25
CA THR B 121 10.03 3.54 22.61
C THR B 121 8.53 3.51 22.92
N ARG B 122 7.81 4.55 22.53
CA ARG B 122 6.36 4.60 22.77
C ARG B 122 5.63 3.52 22.00
N LEU B 123 6.06 3.28 20.75
CA LEU B 123 5.46 2.21 19.96
C LEU B 123 5.63 0.86 20.65
N VAL B 124 6.84 0.55 21.11
CA VAL B 124 7.06 -0.70 21.85
C VAL B 124 6.14 -0.78 23.06
N HIS B 125 6.10 0.29 23.84
CA HIS B 125 5.30 0.28 25.06
C HIS B 125 3.81 0.07 24.77
N ASP B 126 3.27 0.86 23.85
CA ASP B 126 1.83 0.87 23.61
C ASP B 126 1.35 -0.39 22.89
N LEU B 127 2.12 -0.86 21.91
CA LEU B 127 1.76 -2.08 21.17
C LEU B 127 1.93 -3.32 22.06
N SER B 128 2.95 -3.33 22.91
CA SER B 128 3.13 -4.45 23.83
C SER B 128 1.99 -4.52 24.84
N ALA B 129 1.57 -3.36 25.33
CA ALA B 129 0.47 -3.32 26.30
C ALA B 129 -0.81 -3.85 25.67
N CYS B 130 -1.04 -3.53 24.41
CA CYS B 130 -2.24 -3.95 23.68
C CYS B 130 -2.20 -5.46 23.43
N ALA B 131 -1.10 -5.94 22.88
CA ALA B 131 -0.96 -7.34 22.51
C ALA B 131 -0.90 -8.25 23.73
N GLY B 132 -0.38 -7.72 24.83
CA GLY B 132 -0.25 -8.51 26.05
C GLY B 132 1.08 -9.22 26.19
N GLU B 133 2.00 -8.94 25.27
CA GLU B 133 3.33 -9.54 25.30
C GLU B 133 4.27 -8.56 24.62
N THR B 134 5.55 -8.62 24.97
CA THR B 134 6.54 -7.72 24.36
C THR B 134 6.60 -7.86 22.85
N VAL B 135 6.43 -6.74 22.15
N VAL B 135 6.47 -6.71 22.20
CA VAL B 135 6.56 -6.75 20.70
CA VAL B 135 6.46 -6.56 20.75
C VAL B 135 7.87 -6.04 20.35
C VAL B 135 7.78 -5.90 20.31
N THR B 136 8.40 -6.36 19.18
N THR B 136 8.31 -6.32 19.18
CA THR B 136 9.59 -5.68 18.69
CA THR B 136 9.53 -5.73 18.63
C THR B 136 9.21 -4.64 17.65
C THR B 136 9.19 -4.64 17.60
N VAL B 137 9.86 -3.49 17.70
CA VAL B 137 9.58 -2.40 16.78
C VAL B 137 10.88 -1.81 16.25
N ASN B 138 10.97 -1.70 14.92
N ASN B 138 10.96 -1.65 14.93
CA ASN B 138 12.06 -0.99 14.28
CA ASN B 138 12.11 -0.96 14.35
C ASN B 138 11.49 0.24 13.59
C ASN B 138 11.59 0.21 13.52
N VAL B 139 12.07 1.41 13.84
CA VAL B 139 11.65 2.59 13.12
C VAL B 139 12.80 3.00 12.21
N LYS B 140 12.57 2.94 10.90
CA LYS B 140 13.66 3.15 9.95
C LYS B 140 13.44 4.37 9.07
N SER B 141 14.51 5.11 8.81
CA SER B 141 14.38 6.26 7.93
C SER B 141 14.21 5.77 6.50
N LEU B 142 13.66 6.62 5.64
CA LEU B 142 13.32 6.16 4.29
C LEU B 142 14.56 5.76 3.49
N ASN B 143 15.70 6.37 3.79
N ASN B 143 15.69 6.38 3.79
CA ASN B 143 16.91 6.06 3.03
CA ASN B 143 16.92 6.08 3.08
C ASN B 143 17.36 4.63 3.22
C ASN B 143 17.36 4.63 3.24
N GLU B 144 16.94 3.99 4.32
CA GLU B 144 17.31 2.60 4.56
C GLU B 144 16.67 1.66 3.54
N TYR B 145 15.70 2.15 2.80
CA TYR B 145 15.00 1.32 1.83
C TYR B 145 15.49 1.49 0.38
N THR B 146 16.34 2.48 0.16
CA THR B 146 16.84 2.72 -1.20
C THR B 146 17.58 1.48 -1.69
N ALA B 147 17.18 1.01 -2.87
CA ALA B 147 17.76 -0.17 -3.54
C ALA B 147 17.38 -1.51 -2.95
N GLU B 148 16.51 -1.50 -1.94
CA GLU B 148 15.99 -2.75 -1.40
C GLU B 148 15.09 -3.39 -2.45
N PRO B 149 15.10 -4.73 -2.54
CA PRO B 149 14.42 -5.41 -3.64
C PRO B 149 12.97 -5.72 -3.36
N ILE B 150 12.20 -5.82 -4.44
CA ILE B 150 10.94 -6.52 -4.39
C ILE B 150 11.28 -8.00 -4.46
N VAL B 151 10.67 -8.81 -3.60
CA VAL B 151 10.97 -10.24 -3.62
C VAL B 151 9.74 -11.07 -3.95
N THR B 152 9.98 -12.30 -4.42
CA THR B 152 8.89 -13.26 -4.50
C THR B 152 9.06 -14.28 -3.38
N GLN B 154 9.63 -18.35 -1.79
CA GLN B 154 10.49 -19.50 -2.05
C GLN B 154 9.77 -20.68 -2.70
N GLY B 155 10.55 -21.57 -3.31
CA GLY B 155 10.01 -22.79 -3.88
C GLY B 155 9.17 -22.59 -5.12
N GLU B 156 8.29 -23.55 -5.39
CA GLU B 156 7.55 -23.60 -6.63
C GLU B 156 6.18 -22.94 -6.54
N CYS B 157 5.89 -22.04 -7.48
CA CYS B 157 4.54 -21.48 -7.57
C CYS B 157 3.57 -22.53 -8.08
N ILE B 158 2.41 -22.66 -7.43
CA ILE B 158 1.45 -23.68 -7.81
C ILE B 158 0.28 -23.11 -8.63
N ASP B 159 0.39 -21.84 -9.01
CA ASP B 159 -0.75 -21.14 -9.63
C ASP B 159 -1.02 -21.50 -11.09
N ASP B 160 -0.01 -21.96 -11.81
CA ASP B 160 -0.16 -22.18 -13.25
C ASP B 160 -0.73 -23.55 -13.53
N GLN B 161 -2.00 -23.72 -13.17
CA GLN B 161 -2.67 -25.00 -13.35
C GLN B 161 -3.82 -24.89 -14.35
N ASP B 162 -4.08 -25.98 -15.05
CA ASP B 162 -5.18 -26.03 -16.00
C ASP B 162 -6.33 -26.75 -15.32
N ILE B 163 -7.01 -26.04 -14.43
CA ILE B 163 -8.19 -26.58 -13.75
C ILE B 163 -9.33 -25.60 -13.86
N GLU B 164 -10.56 -26.09 -13.73
CA GLU B 164 -11.70 -25.19 -13.64
C GLU B 164 -12.15 -25.07 -12.20
N ILE B 165 -12.40 -23.83 -11.78
CA ILE B 165 -13.02 -23.57 -10.49
C ILE B 165 -14.32 -22.79 -10.71
N ALA B 166 -15.39 -23.18 -10.01
CA ALA B 166 -16.65 -22.44 -10.10
C ALA B 166 -17.29 -22.22 -8.74
N ASN B 167 -16.88 -23.00 -7.75
CA ASN B 167 -17.39 -22.90 -6.39
C ASN B 167 -16.33 -22.31 -5.47
N TYR B 168 -16.58 -21.07 -5.00
CA TYR B 168 -15.61 -20.35 -4.17
C TYR B 168 -15.95 -20.35 -2.67
N GLU B 169 -16.89 -21.19 -2.29
CA GLU B 169 -17.25 -21.36 -0.88
C GLU B 169 -16.15 -22.14 -0.16
N PHE B 170 -15.81 -21.72 1.06
CA PHE B 170 -14.76 -22.39 1.84
C PHE B 170 -15.06 -23.87 2.05
N ASP B 171 -14.04 -24.70 1.88
CA ASP B 171 -14.21 -26.14 2.00
C ASP B 171 -12.92 -26.84 2.40
N ASP B 172 -12.73 -27.03 3.71
CA ASP B 172 -11.52 -27.68 4.20
C ASP B 172 -11.40 -29.11 3.67
N ALA B 173 -12.54 -29.73 3.37
CA ALA B 173 -12.55 -31.12 2.91
C ALA B 173 -11.87 -31.29 1.55
N LEU B 174 -11.54 -30.18 0.90
CA LEU B 174 -10.77 -30.26 -0.34
C LEU B 174 -9.38 -30.86 -0.11
N LEU B 175 -8.95 -30.89 1.16
CA LEU B 175 -7.65 -31.45 1.53
C LEU B 175 -7.70 -32.93 1.89
N GLN B 176 -8.90 -33.51 1.86
CA GLN B 176 -9.03 -34.93 2.19
C GLN B 176 -8.22 -35.78 1.24
N GLY B 177 -7.26 -36.53 1.80
CA GLY B 177 -6.44 -37.43 1.02
C GLY B 177 -5.49 -36.69 0.08
N ALA B 178 -5.20 -35.44 0.40
CA ALA B 178 -4.36 -34.61 -0.48
C ALA B 178 -2.88 -34.98 -0.40
N ALA B 179 -2.49 -35.69 0.65
CA ALA B 179 -1.09 -36.05 0.84
C ALA B 179 -0.89 -37.56 0.78
N GLN B 180 -0.76 -38.09 -0.44
CA GLN B 180 -0.62 -39.53 -0.64
C GLN B 180 0.79 -39.88 -1.09
N GLY B 181 1.53 -38.86 -1.49
CA GLY B 181 2.78 -39.06 -2.20
C GLY B 181 3.95 -39.57 -1.39
N GLU B 182 5.09 -39.69 -2.06
CA GLU B 182 6.36 -40.04 -1.44
C GLU B 182 6.71 -39.02 -0.37
N GLU B 183 7.41 -39.45 0.68
CA GLU B 183 7.94 -38.53 1.69
C GLU B 183 8.89 -37.54 1.02
N VAL B 184 8.57 -36.25 1.12
CA VAL B 184 9.41 -35.22 0.50
C VAL B 184 9.58 -34.02 1.41
N SER B 185 10.61 -33.21 1.14
CA SER B 185 10.67 -31.86 1.67
C SER B 185 10.48 -30.92 0.50
N GLU B 186 9.48 -30.06 0.57
CA GLU B 186 9.37 -29.05 -0.48
C GLU B 186 8.77 -27.76 0.03
N VAL B 187 8.90 -26.75 -0.81
CA VAL B 187 8.32 -25.44 -0.53
C VAL B 187 7.46 -25.05 -1.73
N LEU B 188 6.21 -24.70 -1.44
CA LEU B 188 5.26 -24.31 -2.48
C LEU B 188 4.77 -22.91 -2.16
N HIS B 189 4.37 -22.14 -3.16
CA HIS B 189 3.68 -20.88 -2.86
C HIS B 189 2.60 -20.57 -3.87
N SER B 190 1.73 -19.63 -3.49
CA SER B 190 0.67 -19.17 -4.39
C SER B 190 0.48 -17.68 -4.17
N HIS B 191 0.14 -16.97 -5.24
CA HIS B 191 -0.19 -15.55 -5.13
C HIS B 191 -1.69 -15.34 -5.21
N LEU B 192 -2.45 -16.43 -5.08
CA LEU B 192 -3.88 -16.36 -5.35
C LEU B 192 -4.76 -16.29 -4.12
N LEU B 193 -4.13 -16.16 -2.95
CA LEU B 193 -4.91 -16.10 -1.70
C LEU B 193 -5.69 -14.79 -1.59
N LYS B 194 -6.98 -14.93 -1.33
CA LYS B 194 -7.85 -13.79 -1.10
C LYS B 194 -8.88 -14.24 -0.09
N SER B 195 -9.19 -13.36 0.84
CA SER B 195 -10.26 -13.63 1.79
C SER B 195 -10.98 -12.32 1.98
N ASN B 196 -12.11 -12.34 2.66
CA ASN B 196 -12.81 -11.10 2.92
C ASN B 196 -12.64 -10.64 4.36
N CYS B 197 -12.46 -9.35 4.53
N CYS B 197 -12.53 -9.32 4.52
CA CYS B 197 -12.20 -8.80 5.84
CA CYS B 197 -12.48 -8.68 5.82
C CYS B 197 -13.37 -9.05 6.79
C CYS B 197 -13.88 -8.21 6.18
N LEU B 198 -13.10 -9.74 7.90
N LEU B 198 -14.45 -8.78 7.25
CA LEU B 198 -14.11 -10.08 8.91
CA LEU B 198 -15.86 -8.56 7.56
C LEU B 198 -15.06 -8.91 9.25
C LEU B 198 -16.19 -7.10 7.94
N ILE B 199 -14.51 -7.74 9.55
N ILE B 199 -15.38 -6.48 8.78
CA ILE B 199 -15.33 -6.62 10.02
CA ILE B 199 -15.71 -5.16 9.31
C ILE B 199 -15.94 -5.78 8.89
C ILE B 199 -15.90 -4.07 8.23
N THR B 200 -15.30 -5.79 7.71
N THR B 200 -15.06 -4.10 7.20
CA THR B 200 -15.60 -4.79 6.69
CA THR B 200 -15.20 -3.14 6.09
C THR B 200 -15.97 -5.35 5.31
C THR B 200 -15.81 -3.82 4.87
N ASN B 201 -15.90 -6.67 5.16
N ASN B 201 -16.16 -5.10 5.03
CA ASN B 201 -16.17 -7.33 3.88
CA ASN B 201 -16.58 -5.95 3.91
C ASN B 201 -15.19 -7.01 2.74
C ASN B 201 -15.69 -5.74 2.68
N GLN B 202 -14.40 -5.94 2.87
CA GLN B 202 -13.42 -5.59 1.84
C GLN B 202 -12.44 -6.72 1.65
N PRO B 203 -12.07 -6.99 0.39
CA PRO B 203 -11.16 -8.09 0.13
C PRO B 203 -9.75 -7.83 0.67
N ASP B 204 -9.11 -8.91 1.11
CA ASP B 204 -7.71 -8.92 1.51
C ASP B 204 -6.97 -9.80 0.51
N TRP B 205 -5.82 -9.34 0.05
CA TRP B 205 -5.06 -10.02 -1.00
C TRP B 205 -3.73 -10.47 -0.46
N GLY B 206 -3.36 -11.73 -0.72
CA GLY B 206 -2.11 -12.21 -0.17
C GLY B 206 -1.41 -13.27 -1.01
N SER B 207 -0.14 -13.49 -0.68
CA SER B 207 0.59 -14.64 -1.21
C SER B 207 0.92 -15.50 -0.02
N VAL B 208 1.04 -16.80 -0.26
CA VAL B 208 1.23 -17.70 0.85
C VAL B 208 2.27 -18.75 0.48
N GLU B 209 3.17 -19.03 1.43
CA GLU B 209 4.28 -19.94 1.23
C GLU B 209 4.11 -21.09 2.24
N ILE B 210 4.15 -22.32 1.73
CA ILE B 210 3.93 -23.49 2.55
C ILE B 210 5.14 -24.40 2.40
N ALA B 211 5.84 -24.64 3.50
CA ALA B 211 7.04 -25.47 3.49
C ALA B 211 6.79 -26.65 4.41
N TYR B 212 7.06 -27.86 3.93
CA TYR B 212 6.74 -29.01 4.74
C TYR B 212 7.66 -30.19 4.46
N HIS B 213 7.70 -31.11 5.42
CA HIS B 213 8.30 -32.41 5.20
C HIS B 213 7.23 -33.43 5.51
N GLY B 214 6.87 -34.23 4.53
CA GLY B 214 5.85 -35.24 4.73
C GLY B 214 5.47 -35.86 3.41
N ALA B 215 4.38 -36.61 3.39
CA ALA B 215 3.84 -37.15 2.13
C ALA B 215 3.57 -36.00 1.17
N LYS B 216 3.98 -36.19 -0.09
CA LYS B 216 3.83 -35.17 -1.13
C LYS B 216 2.38 -34.74 -1.32
N ASN B 218 -0.91 -33.06 -3.08
CA ASN B 218 -1.53 -32.86 -4.38
C ASN B 218 -1.74 -31.37 -4.61
N ARG B 219 -1.14 -30.84 -5.68
CA ARG B 219 -1.14 -29.40 -5.87
C ARG B 219 -2.49 -28.85 -6.31
N GLU B 220 -3.28 -29.65 -7.01
CA GLU B 220 -4.62 -29.20 -7.40
C GLU B 220 -5.50 -29.04 -6.17
N ALA B 221 -5.46 -30.04 -5.29
CA ALA B 221 -6.23 -29.98 -4.05
C ALA B 221 -5.82 -28.78 -3.22
N LEU B 222 -4.52 -28.55 -3.11
CA LEU B 222 -4.03 -27.41 -2.34
C LEU B 222 -4.50 -26.09 -2.93
N LEU B 223 -4.41 -25.94 -4.25
CA LEU B 223 -4.83 -24.69 -4.87
C LEU B 223 -6.34 -24.48 -4.73
N ARG B 224 -7.13 -25.55 -4.93
CA ARG B 224 -8.58 -25.47 -4.73
C ARG B 224 -8.91 -25.03 -3.31
N TYR B 225 -8.21 -25.60 -2.34
CA TYR B 225 -8.43 -25.26 -0.93
C TYR B 225 -8.12 -23.78 -0.67
N LEU B 226 -6.98 -23.31 -1.13
CA LEU B 226 -6.60 -21.91 -0.96
C LEU B 226 -7.58 -20.95 -1.64
N VAL B 227 -8.03 -21.30 -2.84
CA VAL B 227 -8.99 -20.46 -3.57
C VAL B 227 -10.35 -20.45 -2.89
N SER B 228 -10.64 -21.48 -2.08
CA SER B 228 -11.92 -21.55 -1.40
C SER B 228 -12.02 -20.52 -0.27
N PHE B 229 -10.93 -19.79 0.01
CA PHE B 229 -11.01 -18.70 0.98
C PHE B 229 -11.62 -17.45 0.37
N ARG B 230 -11.83 -17.46 -0.95
CA ARG B 230 -12.10 -16.23 -1.72
C ARG B 230 -13.33 -15.45 -1.24
N GLU B 231 -14.32 -16.16 -0.72
CA GLU B 231 -15.54 -15.51 -0.23
C GLU B 231 -15.76 -15.79 1.25
N HIS B 232 -14.65 -16.10 1.93
CA HIS B 232 -14.64 -16.45 3.35
C HIS B 232 -14.26 -15.24 4.20
N ASN B 233 -14.94 -15.06 5.34
CA ASN B 233 -14.65 -13.96 6.25
C ASN B 233 -13.72 -14.37 7.40
N GLU B 234 -12.56 -13.70 7.48
N GLU B 234 -12.53 -13.77 7.45
CA GLU B 234 -11.58 -13.99 8.52
CA GLU B 234 -11.67 -13.89 8.63
C GLU B 234 -10.45 -12.95 8.53
C GLU B 234 -10.49 -12.93 8.56
N PHE B 235 -9.80 -12.78 9.68
CA PHE B 235 -8.60 -11.93 9.74
C PHE B 235 -7.43 -12.66 9.08
N ALA B 236 -6.45 -11.90 8.61
CA ALA B 236 -5.24 -12.48 7.99
C ALA B 236 -4.57 -13.49 8.91
N GLU B 237 -4.41 -13.13 10.18
CA GLU B 237 -3.75 -13.99 11.15
C GLU B 237 -4.51 -15.30 11.31
N GLN B 238 -5.83 -15.18 11.27
CA GLN B 238 -6.69 -16.31 11.52
C GLN B 238 -6.77 -17.23 10.30
N CYS B 239 -6.69 -16.64 9.10
N CYS B 239 -6.68 -16.64 9.10
CA CYS B 239 -6.62 -17.45 7.89
CA CYS B 239 -6.62 -17.44 7.87
C CYS B 239 -5.38 -18.33 7.89
C CYS B 239 -5.38 -18.32 7.87
N VAL B 240 -4.24 -17.74 8.24
CA VAL B 240 -2.98 -18.49 8.26
C VAL B 240 -3.04 -19.62 9.30
N GLU B 241 -3.62 -19.35 10.46
CA GLU B 241 -3.77 -20.40 11.45
C GLU B 241 -4.70 -21.51 10.98
N ARG B 242 -5.73 -21.15 10.22
CA ARG B 242 -6.66 -22.13 9.68
C ARG B 242 -5.98 -23.00 8.62
N ILE B 243 -5.18 -22.37 7.76
CA ILE B 243 -4.46 -23.14 6.76
C ILE B 243 -3.50 -24.12 7.42
N PHE B 244 -2.76 -23.65 8.43
CA PHE B 244 -1.82 -24.49 9.16
C PHE B 244 -2.54 -25.68 9.79
N THR B 245 -3.60 -25.39 10.54
CA THR B 245 -4.29 -26.46 11.25
C THR B 245 -4.98 -27.45 10.29
N ASP B 246 -5.51 -26.96 9.18
CA ASP B 246 -6.13 -27.86 8.21
C ASP B 246 -5.11 -28.74 7.51
N ILE B 247 -3.98 -28.18 7.11
CA ILE B 247 -2.93 -28.99 6.50
C ILE B 247 -2.41 -30.04 7.49
N ARG B 249 -4.01 -31.44 9.99
CA ARG B 249 -4.98 -32.52 10.23
C ARG B 249 -5.24 -33.41 9.01
N TYR B 250 -5.25 -32.83 7.82
CA TYR B 250 -5.54 -33.62 6.62
C TYR B 250 -4.31 -34.27 6.00
N CYS B 251 -3.16 -33.64 6.13
CA CYS B 251 -1.95 -34.10 5.43
C CYS B 251 -0.88 -34.68 6.35
N GLN B 252 -0.98 -34.34 7.64
CA GLN B 252 -0.06 -34.84 8.67
C GLN B 252 1.43 -34.83 8.30
N PRO B 253 1.98 -33.66 7.95
CA PRO B 253 3.42 -33.64 7.70
C PRO B 253 4.19 -33.73 9.01
N GLN B 254 5.46 -34.15 8.95
CA GLN B 254 6.31 -34.18 10.13
C GLN B 254 6.65 -32.77 10.60
N SER B 255 6.79 -31.86 9.63
CA SER B 255 7.07 -30.45 9.93
C SER B 255 6.38 -29.57 8.91
N LEU B 256 6.02 -28.36 9.32
CA LEU B 256 5.19 -27.48 8.50
C LEU B 256 5.37 -26.02 8.86
N THR B 257 5.51 -25.17 7.85
CA THR B 257 5.50 -23.74 8.04
C THR B 257 4.52 -23.14 7.04
N VAL B 258 3.65 -22.25 7.52
CA VAL B 258 2.74 -21.49 6.66
C VAL B 258 2.98 -20.00 6.89
N TYR B 259 3.29 -19.28 5.82
CA TYR B 259 3.66 -17.87 5.93
C TYR B 259 2.90 -17.11 4.86
N ALA B 260 2.06 -16.16 5.27
CA ALA B 260 1.37 -15.36 4.26
C ALA B 260 1.80 -13.90 4.36
N ARG B 261 1.84 -13.25 3.21
CA ARG B 261 2.14 -11.83 3.14
C ARG B 261 1.00 -11.11 2.42
N TYR B 262 0.29 -10.26 3.15
CA TYR B 262 -0.90 -9.61 2.61
C TYR B 262 -0.59 -8.17 2.21
N THR B 263 -1.31 -7.67 1.21
CA THR B 263 -1.18 -6.26 0.83
C THR B 263 -1.77 -5.37 1.91
N ARG B 264 -1.27 -4.14 1.98
CA ARG B 264 -1.66 -3.22 3.06
C ARG B 264 -3.10 -2.76 2.95
N ARG B 265 -3.67 -2.43 4.11
CA ARG B 265 -4.94 -1.74 4.21
C ARG B 265 -4.70 -0.59 5.17
N GLY B 266 -5.04 0.62 4.77
CA GLY B 266 -4.86 1.78 5.63
C GLY B 266 -3.41 2.04 6.01
N GLY B 267 -2.49 1.67 5.13
CA GLY B 267 -1.09 1.98 5.35
C GLY B 267 -0.29 0.93 6.11
N LEU B 268 -0.96 -0.17 6.48
CA LEU B 268 -0.38 -1.25 7.28
C LEU B 268 -0.59 -2.57 6.61
N ASP B 269 0.45 -3.40 6.53
CA ASP B 269 0.23 -4.78 6.10
C ASP B 269 0.56 -5.78 7.20
N ILE B 270 -0.03 -6.97 7.07
CA ILE B 270 0.11 -8.02 8.06
C ILE B 270 0.69 -9.25 7.39
N ASN B 271 1.70 -9.84 8.02
CA ASN B 271 2.41 -10.99 7.46
C ASN B 271 2.54 -12.09 8.52
N PRO B 272 1.48 -12.93 8.66
CA PRO B 272 1.48 -13.94 9.72
C PRO B 272 2.33 -15.16 9.34
N PHE B 273 3.17 -15.58 10.27
CA PHE B 273 4.07 -16.73 10.09
C PHE B 273 3.74 -17.75 11.17
N ARG B 274 3.46 -18.99 10.79
CA ARG B 274 3.15 -20.03 11.77
C ARG B 274 3.91 -21.28 11.42
N SER B 275 4.54 -21.91 12.40
CA SER B 275 5.41 -23.05 12.10
C SER B 275 5.42 -24.04 13.23
N SER B 276 5.66 -25.30 12.88
CA SER B 276 5.76 -26.33 13.89
C SER B 276 7.12 -26.28 14.57
N HIS B 277 8.11 -25.70 13.89
N HIS B 277 8.09 -25.63 13.95
CA HIS B 277 9.51 -25.80 14.30
CA HIS B 277 9.46 -25.71 14.44
C HIS B 277 10.31 -24.51 14.15
C HIS B 277 10.29 -24.44 14.24
N GLN B 278 9.83 -23.57 13.34
CA GLN B 278 10.54 -22.30 13.09
C GLN B 278 9.91 -21.13 13.85
N SER B 279 10.71 -20.10 14.14
CA SER B 279 10.24 -18.95 14.93
C SER B 279 9.73 -17.76 14.13
N ALA B 280 10.38 -17.48 13.00
CA ALA B 280 10.12 -16.26 12.24
C ALA B 280 10.76 -16.37 10.87
N PRO B 281 10.30 -15.55 9.91
CA PRO B 281 11.00 -15.49 8.63
C PRO B 281 12.33 -14.75 8.76
N ASN B 282 13.22 -14.87 7.79
CA ASN B 282 14.55 -14.24 7.88
C ASN B 282 14.57 -12.73 7.69
N HIS B 283 13.55 -12.20 7.04
CA HIS B 283 13.50 -10.79 6.72
C HIS B 283 12.06 -10.37 6.52
N ASN B 284 11.86 -9.06 6.34
CA ASN B 284 10.55 -8.52 6.01
C ASN B 284 10.60 -7.78 4.67
N GLN B 285 11.14 -8.43 3.65
N GLN B 285 11.17 -8.42 3.66
CA GLN B 285 11.19 -7.82 2.33
CA GLN B 285 11.21 -7.80 2.33
C GLN B 285 9.82 -7.89 1.64
C GLN B 285 9.83 -7.87 1.66
N ARG B 286 9.44 -6.79 1.00
CA ARG B 286 8.11 -6.70 0.42
C ARG B 286 7.98 -7.44 -0.90
N ALA B 288 5.62 -8.01 -4.63
CA ALA B 288 5.28 -7.08 -5.71
C ALA B 288 4.02 -6.25 -5.43
N ARG B 289 3.01 -6.88 -4.84
CA ARG B 289 1.77 -6.14 -4.59
C ARG B 289 1.77 -5.38 -3.28
N GLN B 290 2.79 -5.63 -2.46
CA GLN B 290 2.86 -4.96 -1.16
C GLN B 290 3.40 -3.55 -1.25
#